data_7VF8
#
_entry.id   7VF8
#
_cell.length_a   153.840
_cell.length_b   153.840
_cell.length_c   37.751
_cell.angle_alpha   90.000
_cell.angle_beta   90.000
_cell.angle_gamma   120.000
#
_symmetry.space_group_name_H-M   'P 61'
#
loop_
_entity.id
_entity.type
_entity.pdbx_description
1 polymer 'Heme acquisition protein HasAp'
2 non-polymer 'Co-5-octaethyloxaporphyrinium cation'
3 non-polymer GLYCEROL
4 non-polymer DI(HYDROXYETHYL)ETHER
5 non-polymer 'CITRIC ACID'
6 water water
#
_entity_poly.entity_id   1
_entity_poly.type   'polypeptide(L)'
_entity_poly.pdbx_seq_one_letter_code
;MSISISYSTTYSGWTVADYLADWSAYFGDVNHRPGQVVDGSNTGGFNPGPFDGSQYALKSTASDAAFIAGGDLHYTLFSN
PSHTLWGKLDSIALGDTLTGGASSGGYALDSQEVSFSNLGLDSPIAQGRDGTVHKVVYGLMSGDSSALQGQIDALLKAVD
PSLSINSTFDQLAAAGVAHATPAA
;
_entity_poly.pdbx_strand_id   A,B
#
# COMPACT_ATOMS: atom_id res chain seq x y z
N MET A 1 -8.62 -5.27 17.93
CA MET A 1 -8.03 -6.35 17.09
C MET A 1 -6.64 -6.71 17.61
N SER A 2 -6.30 -7.99 17.53
N SER A 2 -6.30 -7.99 17.60
CA SER A 2 -5.02 -8.60 17.94
CA SER A 2 -4.98 -8.49 18.08
C SER A 2 -3.89 -8.20 16.98
C SER A 2 -3.91 -8.27 17.01
N ILE A 3 -2.65 -8.32 17.43
CA ILE A 3 -1.48 -8.11 16.54
C ILE A 3 -1.65 -8.90 15.24
N SER A 4 -1.41 -8.24 14.11
N SER A 4 -1.27 -8.29 14.14
CA SER A 4 -1.35 -8.86 12.76
CA SER A 4 -1.34 -8.90 12.80
C SER A 4 0.10 -8.77 12.27
C SER A 4 0.00 -8.71 12.09
N ILE A 5 0.59 -9.81 11.60
CA ILE A 5 1.97 -9.81 11.08
C ILE A 5 1.93 -10.22 9.61
N SER A 6 2.68 -9.54 8.78
N SER A 6 2.72 -9.55 8.78
CA SER A 6 2.98 -10.01 7.41
CA SER A 6 2.97 -9.89 7.36
C SER A 6 4.46 -10.40 7.34
C SER A 6 4.45 -10.27 7.19
N TYR A 7 4.75 -11.33 6.44
CA TYR A 7 6.15 -11.72 6.20
C TYR A 7 6.28 -12.26 4.80
N SER A 8 7.34 -11.88 4.12
N SER A 8 7.35 -11.89 4.12
CA SER A 8 7.70 -12.50 2.83
CA SER A 8 7.75 -12.52 2.84
C SER A 8 8.01 -13.98 3.05
C SER A 8 7.88 -14.03 3.05
N THR A 9 7.54 -14.85 2.14
N THR A 9 7.44 -14.81 2.06
CA THR A 9 7.70 -16.32 2.25
CA THR A 9 7.50 -16.30 2.13
C THR A 9 9.16 -16.70 2.52
C THR A 9 8.93 -16.75 2.44
N THR A 10 10.11 -15.93 2.00
N THR A 10 9.94 -15.97 2.01
CA THR A 10 11.55 -16.25 2.16
CA THR A 10 11.38 -16.32 2.15
C THR A 10 12.01 -16.10 3.61
C THR A 10 11.80 -16.37 3.62
N TYR A 11 11.14 -15.61 4.51
CA TYR A 11 11.48 -15.57 5.96
C TYR A 11 10.60 -16.53 6.79
N SER A 12 9.86 -17.42 6.15
N SER A 12 9.84 -17.41 6.12
N SER A 12 9.88 -17.44 6.13
CA SER A 12 8.87 -18.29 6.84
CA SER A 12 8.91 -18.37 6.76
CA SER A 12 8.90 -18.35 6.75
C SER A 12 9.52 -19.10 7.98
C SER A 12 9.55 -19.04 7.99
C SER A 12 9.50 -19.13 7.94
N GLY A 13 10.76 -19.58 7.80
CA GLY A 13 11.41 -20.41 8.82
C GLY A 13 12.19 -19.61 9.85
N TRP A 14 12.19 -18.29 9.76
CA TRP A 14 12.90 -17.43 10.75
C TRP A 14 11.99 -17.20 11.95
N THR A 15 12.62 -17.03 13.11
CA THR A 15 11.89 -16.46 14.26
C THR A 15 11.79 -14.94 14.12
N VAL A 16 10.82 -14.37 14.80
CA VAL A 16 10.67 -12.89 14.82
C VAL A 16 11.97 -12.30 15.39
N ALA A 17 12.46 -12.85 16.49
CA ALA A 17 13.66 -12.33 17.17
C ALA A 17 14.86 -12.36 16.22
N ASP A 18 15.04 -13.45 15.48
CA ASP A 18 16.24 -13.54 14.61
C ASP A 18 16.08 -12.56 13.44
N TYR A 19 14.86 -12.42 12.92
CA TYR A 19 14.63 -11.47 11.82
C TYR A 19 14.98 -10.06 12.30
N LEU A 20 14.46 -9.66 13.46
CA LEU A 20 14.67 -8.27 13.95
C LEU A 20 16.12 -8.03 14.33
N ALA A 21 16.79 -8.98 14.97
CA ALA A 21 18.21 -8.80 15.34
C ALA A 21 19.03 -8.61 14.05
N ASP A 22 18.69 -9.37 13.03
N ASP A 22 18.76 -9.39 13.01
CA ASP A 22 19.43 -9.31 11.76
CA ASP A 22 19.48 -9.29 11.71
C ASP A 22 19.13 -7.97 11.06
C ASP A 22 19.13 -7.97 11.00
N TRP A 23 17.86 -7.57 11.01
CA TRP A 23 17.47 -6.29 10.35
C TRP A 23 18.24 -5.15 11.03
N SER A 24 18.32 -5.17 12.36
N SER A 24 18.27 -5.16 12.35
CA SER A 24 19.00 -4.14 13.18
CA SER A 24 18.98 -4.13 13.14
C SER A 24 20.49 -4.11 12.86
C SER A 24 20.45 -4.10 12.73
N ALA A 25 21.09 -5.27 12.63
CA ALA A 25 22.52 -5.36 12.29
C ALA A 25 22.79 -4.71 10.92
N TYR A 26 21.91 -4.91 9.93
CA TYR A 26 22.04 -4.23 8.63
C TYR A 26 21.78 -2.73 8.75
N PHE A 27 20.68 -2.36 9.39
CA PHE A 27 20.33 -0.92 9.49
C PHE A 27 21.47 -0.18 10.21
N GLY A 28 21.95 -0.78 11.29
CA GLY A 28 23.01 -0.21 12.12
C GLY A 28 22.52 0.98 12.92
N ASP A 29 23.47 1.82 13.31
CA ASP A 29 23.22 3.02 14.11
C ASP A 29 23.38 4.22 13.18
N VAL A 30 22.32 4.98 12.92
N VAL A 30 22.30 4.97 13.00
CA VAL A 30 22.41 6.18 12.03
CA VAL A 30 22.27 6.16 12.10
C VAL A 30 23.11 7.33 12.78
C VAL A 30 22.98 7.34 12.80
N ASN A 31 23.42 7.16 14.06
CA ASN A 31 24.23 8.16 14.81
C ASN A 31 23.41 9.44 14.95
N HIS A 32 22.21 9.28 15.49
CA HIS A 32 21.23 10.38 15.65
C HIS A 32 21.39 10.88 17.09
N ARG A 33 22.39 11.72 17.30
N ARG A 33 22.38 11.72 17.31
CA ARG A 33 22.89 12.13 18.64
CA ARG A 33 22.80 12.16 18.68
C ARG A 33 23.41 13.56 18.55
C ARG A 33 23.40 13.56 18.56
N PRO A 34 23.61 14.28 19.68
CA PRO A 34 24.13 15.64 19.63
C PRO A 34 25.45 15.74 18.89
N GLY A 35 25.55 16.75 18.02
CA GLY A 35 26.73 16.98 17.17
C GLY A 35 26.76 16.08 15.95
N GLN A 36 25.85 15.10 15.84
N GLN A 36 25.81 15.16 15.81
CA GLN A 36 25.86 14.08 14.75
CA GLN A 36 25.85 14.14 14.72
C GLN A 36 24.56 14.15 13.92
C GLN A 36 24.64 14.28 13.80
N VAL A 37 23.66 15.13 14.16
CA VAL A 37 22.53 15.47 13.25
C VAL A 37 22.81 16.86 12.69
N VAL A 38 23.53 16.91 11.57
CA VAL A 38 24.16 18.15 11.03
C VAL A 38 23.57 18.48 9.66
N ASP A 39 22.68 17.64 9.17
CA ASP A 39 22.02 17.79 7.84
C ASP A 39 20.86 16.80 7.80
N GLY A 40 20.25 16.61 6.64
CA GLY A 40 19.05 15.75 6.52
C GLY A 40 19.36 14.30 6.27
N SER A 41 20.62 13.85 6.37
CA SER A 41 20.99 12.48 5.98
C SER A 41 20.50 11.45 6.99
N ASN A 42 20.30 11.84 8.24
CA ASN A 42 19.99 10.86 9.32
C ASN A 42 18.85 11.34 10.21
N THR A 43 17.99 12.23 9.70
CA THR A 43 16.79 12.69 10.45
C THR A 43 15.61 11.75 10.27
N GLY A 44 15.47 11.16 9.08
CA GLY A 44 14.19 10.61 8.64
C GLY A 44 13.20 11.72 8.39
N GLY A 45 11.93 11.37 8.29
CA GLY A 45 10.92 12.37 7.99
C GLY A 45 9.54 11.90 8.37
N PHE A 46 8.67 12.88 8.59
CA PHE A 46 7.23 12.65 8.85
C PHE A 46 6.42 12.98 7.61
N ASN A 47 5.31 12.27 7.48
CA ASN A 47 4.23 12.66 6.56
C ASN A 47 3.02 13.02 7.40
N PRO A 48 2.57 14.30 7.40
N PRO A 48 2.49 14.27 7.36
CA PRO A 48 3.08 15.34 6.51
CA PRO A 48 2.99 15.38 6.56
C PRO A 48 4.30 16.12 7.04
C PRO A 48 4.28 16.07 7.04
N GLY A 49 4.57 16.02 8.34
CA GLY A 49 5.71 16.73 8.93
C GLY A 49 5.47 18.22 9.05
N PRO A 50 6.49 18.98 9.50
CA PRO A 50 7.85 18.45 9.74
C PRO A 50 8.04 17.67 11.04
N PHE A 51 7.16 17.84 12.03
CA PHE A 51 7.40 17.28 13.40
C PHE A 51 6.27 16.35 13.85
N ASP A 52 5.30 16.10 12.99
CA ASP A 52 4.09 15.31 13.37
C ASP A 52 3.59 14.60 12.13
N GLY A 53 2.95 13.46 12.32
CA GLY A 53 2.26 12.86 11.18
C GLY A 53 1.77 11.46 11.42
N SER A 54 1.18 10.91 10.38
CA SER A 54 0.64 9.54 10.41
C SER A 54 1.71 8.53 9.98
N GLN A 55 2.83 8.99 9.43
CA GLN A 55 4.00 8.13 9.13
C GLN A 55 5.27 8.84 9.58
N TYR A 56 6.18 8.07 10.15
CA TYR A 56 7.60 8.46 10.31
C TYR A 56 8.42 7.39 9.59
N ALA A 57 9.36 7.82 8.75
CA ALA A 57 10.16 6.89 7.94
C ALA A 57 11.63 7.26 7.98
N LEU A 58 12.50 6.25 7.99
CA LEU A 58 13.95 6.48 7.97
C LEU A 58 14.62 5.36 7.19
N LYS A 59 15.60 5.75 6.38
CA LYS A 59 16.55 4.84 5.70
C LYS A 59 17.89 4.83 6.46
N SER A 60 18.48 3.66 6.55
CA SER A 60 19.85 3.45 7.06
C SER A 60 20.86 4.30 6.28
N THR A 61 21.94 4.73 6.92
CA THR A 61 23.09 5.34 6.21
C THR A 61 24.19 4.31 5.96
N ALA A 62 23.99 3.06 6.37
CA ALA A 62 24.99 1.96 6.24
C ALA A 62 24.52 0.88 5.27
N SER A 63 23.29 0.95 4.79
CA SER A 63 22.62 -0.12 4.02
C SER A 63 21.37 0.44 3.35
N ASP A 64 20.60 -0.41 2.67
N ASP A 64 20.62 -0.43 2.66
CA ASP A 64 19.31 0.00 2.08
CA ASP A 64 19.32 -0.11 2.01
C ASP A 64 18.14 -0.30 3.02
C ASP A 64 18.16 -0.32 2.99
N ALA A 65 18.43 -0.80 4.22
CA ALA A 65 17.37 -1.11 5.21
C ALA A 65 16.61 0.19 5.57
N ALA A 66 15.33 0.03 5.81
CA ALA A 66 14.45 1.18 6.11
C ALA A 66 13.24 0.67 6.87
N PHE A 67 12.58 1.59 7.55
CA PHE A 67 11.31 1.28 8.23
C PHE A 67 10.35 2.46 8.10
N ILE A 68 9.07 2.11 8.24
CA ILE A 68 7.97 3.10 8.36
C ILE A 68 7.15 2.76 9.60
N ALA A 69 7.04 3.75 10.48
CA ALA A 69 6.16 3.72 11.66
C ALA A 69 4.86 4.42 11.30
N GLY A 70 3.72 3.77 11.55
CA GLY A 70 2.40 4.36 11.25
C GLY A 70 1.59 4.56 12.51
N GLY A 71 0.82 5.64 12.53
CA GLY A 71 -0.07 5.92 13.65
C GLY A 71 -0.45 7.37 13.68
N ASP A 72 -0.29 7.97 14.85
N ASP A 72 -0.42 7.96 14.87
CA ASP A 72 -0.64 9.39 15.13
CA ASP A 72 -0.64 9.42 15.07
C ASP A 72 0.49 9.92 16.01
C ASP A 72 0.49 9.89 15.99
N LEU A 73 1.57 10.37 15.39
CA LEU A 73 2.87 10.52 16.04
C LEU A 73 3.26 12.00 16.14
N HIS A 74 4.01 12.29 17.20
CA HIS A 74 4.41 13.68 17.52
C HIS A 74 5.85 13.68 18.00
N TYR A 75 6.64 14.58 17.44
CA TYR A 75 8.05 14.75 17.87
C TYR A 75 8.22 16.15 18.47
N THR A 76 8.83 16.22 19.66
CA THR A 76 8.88 17.50 20.42
C THR A 76 9.99 18.43 19.93
N LEU A 77 10.95 17.97 19.15
CA LEU A 77 12.12 18.78 18.73
C LEU A 77 12.79 19.36 19.98
N PHE A 78 12.80 20.69 20.17
CA PHE A 78 13.52 21.30 21.31
C PHE A 78 12.60 21.50 22.51
N SER A 79 11.31 21.23 22.35
N SER A 79 11.30 21.27 22.35
CA SER A 79 10.30 21.52 23.39
CA SER A 79 10.30 21.55 23.41
C SER A 79 10.37 20.47 24.50
C SER A 79 10.40 20.48 24.49
N ASN A 80 10.32 20.90 25.75
CA ASN A 80 10.39 20.00 26.92
C ASN A 80 9.23 18.99 26.85
N PRO A 81 9.45 17.66 26.95
CA PRO A 81 10.75 16.98 27.01
C PRO A 81 11.40 16.87 25.63
N SER A 82 12.60 17.45 25.50
CA SER A 82 13.21 17.61 24.17
C SER A 82 13.48 16.23 23.53
N HIS A 83 13.39 16.22 22.21
CA HIS A 83 13.75 15.07 21.36
C HIS A 83 13.01 13.82 21.80
N THR A 84 11.71 13.95 22.02
CA THR A 84 10.79 12.85 22.37
C THR A 84 9.81 12.56 21.23
N LEU A 85 9.69 11.29 20.86
CA LEU A 85 8.58 10.83 20.01
C LEU A 85 7.50 10.26 20.91
N TRP A 86 6.28 10.76 20.77
CA TRP A 86 5.13 10.25 21.56
C TRP A 86 3.91 10.13 20.65
N GLY A 87 2.85 9.55 21.21
CA GLY A 87 1.59 9.37 20.50
C GLY A 87 1.28 7.92 20.23
N LYS A 88 0.50 7.69 19.18
N LYS A 88 0.42 7.71 19.24
CA LYS A 88 -0.10 6.38 18.87
CA LYS A 88 -0.11 6.37 18.87
C LYS A 88 0.73 5.69 17.80
C LYS A 88 0.82 5.73 17.82
N LEU A 89 1.29 4.52 18.13
CA LEU A 89 2.04 3.67 17.19
C LEU A 89 1.20 2.43 16.92
N ASP A 90 0.65 2.37 15.72
CA ASP A 90 -0.21 1.25 15.27
C ASP A 90 0.59 0.19 14.53
N SER A 91 1.60 0.58 13.76
CA SER A 91 2.25 -0.36 12.83
C SER A 91 3.72 0.01 12.64
N ILE A 92 4.53 -1.03 12.42
N ILE A 92 4.54 -1.02 12.43
CA ILE A 92 5.95 -0.95 12.00
CA ILE A 92 5.92 -0.82 11.91
C ILE A 92 6.11 -1.82 10.76
C ILE A 92 6.16 -1.80 10.79
N ALA A 93 6.59 -1.26 9.65
CA ALA A 93 6.95 -2.02 8.44
C ALA A 93 8.47 -1.93 8.30
N LEU A 94 9.11 -3.08 8.07
N LEU A 94 9.10 -3.10 8.09
CA LEU A 94 10.59 -3.16 7.94
CA LEU A 94 10.58 -3.25 7.99
C LEU A 94 10.95 -3.86 6.64
C LEU A 94 10.93 -3.83 6.62
N GLY A 95 12.04 -3.39 6.04
CA GLY A 95 12.57 -4.01 4.84
C GLY A 95 13.60 -3.11 4.23
N ASP A 96 13.52 -2.96 2.92
CA ASP A 96 14.44 -2.12 2.13
C ASP A 96 13.63 -1.25 1.16
N THR A 97 14.30 -0.26 0.63
CA THR A 97 13.88 0.55 -0.54
C THR A 97 12.74 1.50 -0.14
N LEU A 98 13.07 2.45 0.71
CA LEU A 98 12.12 3.52 1.07
C LEU A 98 11.96 4.47 -0.12
N THR A 99 10.73 4.86 -0.40
CA THR A 99 10.39 5.85 -1.45
C THR A 99 9.35 6.83 -0.93
N GLY A 100 9.21 7.93 -1.65
CA GLY A 100 8.16 8.90 -1.37
C GLY A 100 8.49 9.84 -0.23
N GLY A 101 7.44 10.36 0.37
CA GLY A 101 7.54 11.38 1.42
C GLY A 101 6.33 12.27 1.39
N ALA A 102 6.36 13.32 2.17
CA ALA A 102 5.18 14.20 2.35
C ALA A 102 4.79 14.82 1.00
N SER A 103 5.76 15.28 0.21
CA SER A 103 5.46 16.02 -1.04
C SER A 103 4.76 15.12 -2.08
N SER A 104 4.92 13.81 -2.02
N SER A 104 4.99 13.81 -1.96
CA SER A 104 4.28 12.90 -3.00
CA SER A 104 4.47 12.72 -2.84
C SER A 104 3.14 12.11 -2.35
C SER A 104 3.06 12.30 -2.43
N GLY A 105 2.67 12.54 -1.18
CA GLY A 105 1.42 12.04 -0.59
C GLY A 105 1.63 10.86 0.34
N GLY A 106 2.88 10.46 0.60
CA GLY A 106 3.14 9.37 1.55
C GLY A 106 4.43 8.65 1.27
N TYR A 107 4.95 8.00 2.30
CA TYR A 107 6.12 7.09 2.18
C TYR A 107 5.62 5.69 1.82
N ALA A 108 6.46 4.97 1.08
CA ALA A 108 6.21 3.55 0.76
C ALA A 108 7.52 2.79 0.87
N LEU A 109 7.42 1.54 1.28
CA LEU A 109 8.57 0.65 1.46
C LEU A 109 8.48 -0.41 0.37
N ASP A 110 9.21 -0.21 -0.74
CA ASP A 110 9.02 -1.02 -1.97
C ASP A 110 9.49 -2.46 -1.79
N SER A 111 10.45 -2.70 -0.89
N SER A 111 10.44 -2.69 -0.89
CA SER A 111 10.91 -4.06 -0.56
CA SER A 111 10.92 -4.05 -0.56
C SER A 111 10.62 -4.33 0.93
C SER A 111 10.61 -4.35 0.91
N GLN A 112 9.37 -4.13 1.33
CA GLN A 112 8.93 -4.56 2.67
C GLN A 112 9.18 -6.06 2.81
N GLU A 113 9.71 -6.46 3.95
CA GLU A 113 9.92 -7.88 4.33
C GLU A 113 8.88 -8.31 5.36
N VAL A 114 8.75 -7.55 6.43
CA VAL A 114 7.92 -7.94 7.60
C VAL A 114 7.19 -6.70 8.08
N SER A 115 5.95 -6.86 8.51
N SER A 115 5.94 -6.88 8.51
CA SER A 115 5.24 -5.77 9.20
CA SER A 115 5.09 -5.80 9.09
C SER A 115 4.55 -6.32 10.44
C SER A 115 4.43 -6.29 10.38
N PHE A 116 4.36 -5.42 11.40
CA PHE A 116 3.66 -5.69 12.66
C PHE A 116 2.61 -4.59 12.80
N SER A 117 1.34 -4.98 12.94
N SER A 117 1.34 -4.97 12.91
CA SER A 117 0.19 -4.05 12.91
CA SER A 117 0.22 -4.01 12.96
C SER A 117 -0.74 -4.35 14.09
C SER A 117 -0.68 -4.30 14.16
N ASN A 118 -1.62 -3.40 14.40
CA ASN A 118 -2.50 -3.48 15.59
C ASN A 118 -1.64 -3.53 16.85
N LEU A 119 -0.56 -2.74 16.91
CA LEU A 119 0.36 -2.75 18.06
C LEU A 119 -0.32 -2.15 19.30
N GLY A 120 -1.26 -1.22 19.12
CA GLY A 120 -2.04 -0.67 20.23
C GLY A 120 -1.21 0.15 21.20
N LEU A 121 -0.07 0.66 20.77
CA LEU A 121 0.81 1.48 21.62
C LEU A 121 0.37 2.94 21.57
N ASP A 122 0.28 3.58 22.73
CA ASP A 122 -0.02 5.03 22.78
C ASP A 122 0.66 5.57 24.03
N SER A 123 1.73 6.33 23.84
CA SER A 123 2.60 6.83 24.92
C SER A 123 2.35 8.32 25.08
N PRO A 124 2.09 8.78 26.31
CA PRO A 124 1.91 10.21 26.55
C PRO A 124 3.25 10.96 26.54
N ILE A 125 3.16 12.25 26.25
CA ILE A 125 4.36 13.12 26.23
C ILE A 125 5.07 13.11 27.59
N ALA A 126 4.34 12.93 28.69
CA ALA A 126 4.94 13.05 30.03
C ALA A 126 6.06 12.05 30.23
N GLN A 127 5.99 10.89 29.57
CA GLN A 127 7.04 9.86 29.77
C GLN A 127 8.35 10.26 29.08
N GLY A 128 8.34 11.30 28.24
CA GLY A 128 9.56 11.74 27.57
C GLY A 128 10.24 10.59 26.86
N ARG A 129 11.56 10.53 26.98
CA ARG A 129 12.38 9.55 26.26
C ARG A 129 12.26 8.17 26.91
N ASP A 130 11.50 8.01 27.99
CA ASP A 130 11.21 6.68 28.58
C ASP A 130 9.88 6.12 28.10
N GLY A 131 9.15 6.83 27.25
CA GLY A 131 7.92 6.30 26.64
C GLY A 131 8.21 5.07 25.81
N THR A 132 7.29 4.12 25.78
CA THR A 132 7.46 2.89 24.98
C THR A 132 7.56 3.24 23.49
N VAL A 133 6.74 4.14 22.99
CA VAL A 133 6.80 4.49 21.55
C VAL A 133 8.19 5.06 21.22
N HIS A 134 8.68 5.97 22.05
CA HIS A 134 10.02 6.57 21.85
C HIS A 134 11.07 5.47 21.83
N LYS A 135 11.07 4.59 22.83
CA LYS A 135 12.13 3.55 22.91
C LYS A 135 12.05 2.60 21.71
N VAL A 136 10.85 2.23 21.30
CA VAL A 136 10.68 1.31 20.15
C VAL A 136 11.34 1.96 18.93
N VAL A 137 10.99 3.19 18.61
CA VAL A 137 11.43 3.82 17.35
C VAL A 137 12.91 4.20 17.46
N TYR A 138 13.35 4.78 18.58
N TYR A 138 13.34 4.81 18.57
CA TYR A 138 14.77 5.18 18.69
CA TYR A 138 14.76 5.17 18.71
C TYR A 138 15.67 3.92 18.64
C TYR A 138 15.61 3.90 18.53
N GLY A 139 15.18 2.79 19.13
CA GLY A 139 15.92 1.52 19.00
C GLY A 139 16.11 1.14 17.54
N LEU A 140 15.09 1.31 16.72
CA LEU A 140 15.20 1.01 15.26
C LEU A 140 16.16 1.99 14.55
N MET A 141 16.32 3.20 15.09
CA MET A 141 17.23 4.22 14.50
C MET A 141 18.69 3.94 14.90
N SER A 142 18.90 3.25 16.02
N SER A 142 18.90 3.25 16.03
CA SER A 142 20.21 3.23 16.75
CA SER A 142 20.18 3.22 16.78
C SER A 142 20.79 1.81 16.86
C SER A 142 20.88 1.87 16.69
N GLY A 143 20.22 0.83 16.15
CA GLY A 143 20.83 -0.50 16.00
C GLY A 143 20.49 -1.48 17.10
N ASP A 144 19.44 -1.22 17.86
CA ASP A 144 19.00 -2.10 18.97
C ASP A 144 17.47 -2.22 18.92
N SER A 145 16.94 -3.32 18.41
CA SER A 145 15.47 -3.51 18.30
C SER A 145 14.89 -4.23 19.53
N SER A 146 15.57 -4.23 20.66
N SER A 146 15.60 -4.24 20.65
CA SER A 146 15.10 -4.99 21.86
CA SER A 146 15.15 -4.90 21.90
C SER A 146 13.74 -4.45 22.35
C SER A 146 13.74 -4.45 22.29
N ALA A 147 13.50 -3.13 22.28
CA ALA A 147 12.21 -2.57 22.75
C ALA A 147 11.07 -3.07 21.86
N LEU A 148 11.24 -3.03 20.55
CA LEU A 148 10.21 -3.58 19.64
C LEU A 148 10.02 -5.07 19.92
N GLN A 149 11.12 -5.81 20.03
CA GLN A 149 11.02 -7.26 20.31
C GLN A 149 10.16 -7.51 21.55
N GLY A 150 10.42 -6.77 22.63
CA GLY A 150 9.66 -6.95 23.88
C GLY A 150 8.18 -6.65 23.70
N GLN A 151 7.83 -5.62 22.93
CA GLN A 151 6.40 -5.28 22.73
C GLN A 151 5.72 -6.38 21.90
N ILE A 152 6.39 -6.88 20.89
N ILE A 152 6.36 -6.83 20.82
CA ILE A 152 5.82 -7.99 20.08
CA ILE A 152 5.74 -7.86 19.93
C ILE A 152 5.69 -9.23 20.97
C ILE A 152 5.49 -9.12 20.76
N ASP A 153 6.67 -9.52 21.81
N ASP A 153 6.48 -9.50 21.58
CA ASP A 153 6.59 -10.72 22.67
CA ASP A 153 6.44 -10.68 22.49
C ASP A 153 5.33 -10.64 23.53
C ASP A 153 5.19 -10.58 23.36
N ALA A 154 5.02 -9.46 24.08
CA ALA A 154 3.87 -9.28 25.00
C ALA A 154 2.55 -9.41 24.21
N LEU A 155 2.48 -8.81 23.02
CA LEU A 155 1.25 -8.87 22.19
C LEU A 155 0.97 -10.32 21.79
N LEU A 156 2.01 -11.08 21.43
CA LEU A 156 1.83 -12.48 20.98
C LEU A 156 1.36 -13.34 22.16
N LYS A 157 1.97 -13.16 23.33
CA LYS A 157 1.59 -13.95 24.53
C LYS A 157 0.15 -13.64 24.93
N ALA A 158 -0.33 -12.42 24.66
CA ALA A 158 -1.73 -12.01 24.92
C ALA A 158 -2.70 -12.81 24.04
N VAL A 159 -2.28 -13.16 22.82
CA VAL A 159 -3.11 -14.01 21.91
C VAL A 159 -3.14 -15.44 22.46
N ASP A 160 -1.97 -16.02 22.69
N ASP A 160 -1.97 -15.97 22.81
CA ASP A 160 -1.83 -17.36 23.34
CA ASP A 160 -1.79 -17.38 23.26
C ASP A 160 -0.43 -17.44 23.93
C ASP A 160 -0.41 -17.50 23.90
N PRO A 161 -0.29 -17.96 25.17
CA PRO A 161 1.01 -18.00 25.84
C PRO A 161 2.05 -18.90 25.15
N SER A 162 1.64 -19.77 24.22
CA SER A 162 2.57 -20.60 23.40
C SER A 162 3.24 -19.79 22.29
N LEU A 163 2.77 -18.57 22.01
CA LEU A 163 3.33 -17.73 20.92
C LEU A 163 4.31 -16.76 21.54
N SER A 164 5.38 -16.44 20.81
CA SER A 164 6.42 -15.53 21.33
C SER A 164 7.28 -15.05 20.17
N ILE A 165 8.23 -14.17 20.45
N ILE A 165 8.21 -14.16 20.50
CA ILE A 165 9.19 -13.73 19.39
CA ILE A 165 9.27 -13.66 19.61
C ILE A 165 10.13 -14.87 19.02
C ILE A 165 10.07 -14.85 19.04
N ASN A 166 10.10 -15.99 19.74
CA ASN A 166 10.88 -17.20 19.33
C ASN A 166 10.04 -18.15 18.48
N SER A 167 8.79 -17.81 18.20
CA SER A 167 7.98 -18.53 17.18
C SER A 167 8.54 -18.18 15.80
N THR A 168 8.49 -19.15 14.89
CA THR A 168 8.78 -18.84 13.48
C THR A 168 7.56 -18.16 12.85
N PHE A 169 7.78 -17.45 11.76
CA PHE A 169 6.63 -16.83 11.04
C PHE A 169 5.63 -17.91 10.61
N ASP A 170 6.13 -19.07 10.14
N ASP A 170 6.10 -19.09 10.20
CA ASP A 170 5.31 -20.27 9.83
CA ASP A 170 5.16 -20.16 9.78
C ASP A 170 4.36 -20.58 11.00
C ASP A 170 4.35 -20.65 10.99
N GLN A 171 4.93 -20.71 12.19
CA GLN A 171 4.16 -21.08 13.40
C GLN A 171 3.10 -20.00 13.68
N LEU A 172 3.48 -18.73 13.53
CA LEU A 172 2.52 -17.62 13.77
C LEU A 172 1.41 -17.65 12.72
N ALA A 173 1.70 -18.07 11.48
CA ALA A 173 0.66 -18.18 10.45
C ALA A 173 -0.32 -19.30 10.81
N ALA A 174 0.19 -20.42 11.31
CA ALA A 174 -0.68 -21.55 11.70
C ALA A 174 -1.59 -21.13 12.85
N ALA A 175 -1.13 -20.20 13.69
CA ALA A 175 -1.88 -19.68 14.87
C ALA A 175 -2.87 -18.59 14.45
N GLY A 176 -2.84 -18.15 13.19
CA GLY A 176 -3.78 -17.14 12.63
C GLY A 176 -3.35 -15.70 12.84
N VAL A 177 -2.13 -15.48 13.33
N VAL A 177 -2.16 -15.42 13.36
CA VAL A 177 -1.57 -14.13 13.62
CA VAL A 177 -1.75 -14.01 13.68
C VAL A 177 -0.88 -13.57 12.37
C VAL A 177 -0.79 -13.47 12.61
N ALA A 178 -0.06 -14.40 11.71
N ALA A 178 -0.33 -14.31 11.68
CA ALA A 178 0.82 -13.95 10.61
CA ALA A 178 0.65 -13.91 10.64
C ALA A 178 0.27 -14.44 9.27
C ALA A 178 0.20 -14.40 9.27
N HIS A 179 0.69 -13.75 8.22
CA HIS A 179 0.23 -14.00 6.83
C HIS A 179 1.42 -13.87 5.91
N ALA A 180 1.70 -14.91 5.15
CA ALA A 180 2.81 -14.92 4.19
C ALA A 180 2.44 -14.05 3.00
N THR A 181 3.42 -13.32 2.48
CA THR A 181 3.27 -12.40 1.32
C THR A 181 4.26 -12.81 0.24
N PRO A 182 3.99 -12.44 -1.02
CA PRO A 182 4.83 -12.88 -2.13
C PRO A 182 6.24 -12.29 -2.05
N ALA A 183 7.25 -13.14 -2.28
CA ALA A 183 8.67 -12.75 -2.32
C ALA A 183 9.02 -12.22 -3.71
N MET B 1 -1.76 16.18 -19.39
N MET B 1 -2.41 15.22 -21.80
CA MET B 1 -2.63 15.73 -20.52
CA MET B 1 -3.26 16.44 -21.78
C MET B 1 -4.04 15.42 -19.98
C MET B 1 -4.47 16.21 -20.87
N SER B 2 -5.07 15.70 -20.79
N SER B 2 -5.66 16.07 -21.46
CA SER B 2 -6.53 15.49 -20.53
CA SER B 2 -6.89 15.62 -20.76
C SER B 2 -6.87 14.00 -20.71
C SER B 2 -7.01 14.09 -20.83
N ILE B 3 -8.00 13.54 -20.13
CA ILE B 3 -8.46 12.13 -20.26
C ILE B 3 -8.43 11.71 -21.74
N SER B 4 -7.90 10.52 -22.00
CA SER B 4 -7.83 9.91 -23.34
C SER B 4 -8.39 8.50 -23.25
N ILE B 5 -9.34 8.18 -24.11
CA ILE B 5 -10.03 6.88 -24.09
C ILE B 5 -9.69 6.15 -25.39
N SER B 6 -9.34 4.87 -25.26
N SER B 6 -9.26 4.89 -25.26
N SER B 6 -9.26 4.90 -25.26
CA SER B 6 -9.04 3.95 -26.40
CA SER B 6 -9.07 3.95 -26.40
CA SER B 6 -9.13 3.97 -26.41
C SER B 6 -10.07 2.81 -26.40
C SER B 6 -10.19 2.91 -26.35
C SER B 6 -10.27 2.97 -26.34
N TYR B 7 -10.82 2.62 -27.49
CA TYR B 7 -11.91 1.62 -27.53
C TYR B 7 -11.82 0.80 -28.80
N SER B 8 -12.03 -0.50 -28.64
CA SER B 8 -12.30 -1.39 -29.77
C SER B 8 -13.54 -0.90 -30.54
N THR B 9 -13.50 -0.94 -31.87
CA THR B 9 -14.64 -0.52 -32.73
C THR B 9 -15.91 -1.34 -32.41
N THR B 10 -15.76 -2.53 -31.81
CA THR B 10 -16.88 -3.34 -31.29
C THR B 10 -17.84 -2.48 -30.46
N TYR B 11 -17.30 -1.49 -29.73
CA TYR B 11 -18.08 -0.70 -28.74
C TYR B 11 -18.41 0.71 -29.24
N SER B 12 -18.19 0.99 -30.52
N SER B 12 -18.18 0.99 -30.52
CA SER B 12 -18.34 2.35 -31.12
CA SER B 12 -18.35 2.34 -31.14
C SER B 12 -19.69 2.98 -30.72
C SER B 12 -19.68 2.97 -30.71
N GLY B 13 -20.77 2.20 -30.74
CA GLY B 13 -22.13 2.72 -30.50
C GLY B 13 -22.61 2.53 -29.07
N TRP B 14 -21.76 2.01 -28.19
CA TRP B 14 -22.10 1.81 -26.75
C TRP B 14 -21.80 3.10 -25.98
N THR B 15 -22.63 3.42 -25.00
CA THR B 15 -22.27 4.45 -24.01
C THR B 15 -21.18 3.90 -23.08
N VAL B 16 -20.39 4.80 -22.51
CA VAL B 16 -19.36 4.39 -21.52
C VAL B 16 -20.05 3.67 -20.35
N ALA B 17 -21.15 4.23 -19.84
CA ALA B 17 -21.85 3.67 -18.67
C ALA B 17 -22.31 2.25 -19.01
N ASP B 18 -22.86 2.06 -20.21
CA ASP B 18 -23.41 0.73 -20.60
C ASP B 18 -22.26 -0.27 -20.72
N TYR B 19 -21.14 0.15 -21.30
CA TYR B 19 -19.96 -0.73 -21.44
C TYR B 19 -19.47 -1.15 -20.05
N LEU B 20 -19.33 -0.19 -19.14
CA LEU B 20 -18.78 -0.47 -17.79
C LEU B 20 -19.73 -1.34 -16.98
N ALA B 21 -21.05 -1.09 -17.04
CA ALA B 21 -22.03 -1.96 -16.34
C ALA B 21 -21.91 -3.38 -16.88
N ASP B 22 -21.79 -3.56 -18.20
CA ASP B 22 -21.69 -4.89 -18.88
C ASP B 22 -20.39 -5.60 -18.49
N TRP B 23 -19.25 -4.91 -18.61
CA TRP B 23 -17.94 -5.50 -18.26
C TRP B 23 -17.96 -5.97 -16.80
N SER B 24 -18.46 -5.12 -15.90
N SER B 24 -18.48 -5.12 -15.91
CA SER B 24 -18.49 -5.38 -14.44
CA SER B 24 -18.52 -5.33 -14.45
C SER B 24 -19.35 -6.61 -14.15
C SER B 24 -19.37 -6.57 -14.13
N ALA B 25 -20.46 -6.79 -14.86
CA ALA B 25 -21.35 -7.97 -14.71
C ALA B 25 -20.59 -9.24 -15.12
N TYR B 26 -19.79 -9.16 -16.18
CA TYR B 26 -18.98 -10.28 -16.74
C TYR B 26 -17.84 -10.60 -15.76
N PHE B 27 -17.16 -9.59 -15.23
CA PHE B 27 -16.05 -9.75 -14.27
C PHE B 27 -16.58 -10.33 -12.95
N GLY B 28 -17.72 -9.82 -12.48
CA GLY B 28 -18.38 -10.22 -11.24
C GLY B 28 -17.66 -9.70 -10.01
N ASP B 29 -17.76 -10.43 -8.91
CA ASP B 29 -17.24 -10.03 -7.58
C ASP B 29 -16.23 -11.12 -7.18
N VAL B 30 -14.96 -10.77 -6.97
CA VAL B 30 -13.93 -11.76 -6.56
C VAL B 30 -14.05 -12.11 -5.06
N ASN B 31 -14.93 -11.44 -4.33
N ASN B 31 -14.96 -11.47 -4.33
CA ASN B 31 -15.24 -11.68 -2.89
CA ASN B 31 -15.21 -11.73 -2.89
C ASN B 31 -13.98 -11.43 -2.04
C ASN B 31 -13.90 -11.49 -2.11
N HIS B 32 -13.31 -10.31 -2.29
CA HIS B 32 -12.11 -9.87 -1.54
C HIS B 32 -12.59 -9.17 -0.25
N ARG B 33 -13.00 -9.96 0.74
CA ARG B 33 -13.66 -9.48 1.98
C ARG B 33 -13.13 -10.30 3.15
N PRO B 34 -13.28 -9.82 4.40
CA PRO B 34 -12.80 -10.55 5.58
C PRO B 34 -13.29 -12.01 5.56
N GLY B 35 -12.34 -12.96 5.66
CA GLY B 35 -12.59 -14.41 5.76
C GLY B 35 -12.79 -15.08 4.40
N GLN B 36 -12.57 -14.37 3.30
N GLN B 36 -12.59 -14.35 3.30
CA GLN B 36 -12.82 -14.87 1.91
CA GLN B 36 -12.83 -14.86 1.92
C GLN B 36 -11.60 -14.65 1.00
C GLN B 36 -11.68 -14.45 0.98
N VAL B 37 -10.50 -14.11 1.52
CA VAL B 37 -9.31 -13.77 0.69
C VAL B 37 -8.44 -15.03 0.58
N VAL B 38 -8.17 -15.46 -0.66
CA VAL B 38 -7.35 -16.66 -1.02
C VAL B 38 -6.23 -16.20 -1.96
N ASP B 39 -5.00 -16.22 -1.46
CA ASP B 39 -3.77 -15.81 -2.21
C ASP B 39 -3.72 -16.58 -3.53
N GLY B 40 -3.41 -15.88 -4.63
CA GLY B 40 -3.28 -16.48 -5.97
C GLY B 40 -4.63 -16.79 -6.60
N SER B 41 -5.74 -16.58 -5.90
CA SER B 41 -7.12 -16.78 -6.41
C SER B 41 -7.83 -15.42 -6.61
N ASN B 42 -7.86 -14.57 -5.59
CA ASN B 42 -8.65 -13.30 -5.65
C ASN B 42 -7.86 -12.13 -5.08
N THR B 43 -6.53 -12.17 -5.12
CA THR B 43 -5.70 -11.03 -4.61
C THR B 43 -5.25 -10.12 -5.77
N GLY B 44 -5.04 -10.67 -6.96
CA GLY B 44 -4.31 -9.96 -8.03
C GLY B 44 -2.86 -9.75 -7.66
N GLY B 45 -2.17 -8.87 -8.38
CA GLY B 45 -0.72 -8.69 -8.24
C GLY B 45 -0.23 -7.34 -8.74
N PHE B 46 0.87 -6.88 -8.15
CA PHE B 46 1.58 -5.66 -8.53
C PHE B 46 2.79 -5.98 -9.39
N ASN B 47 3.10 -5.09 -10.33
N ASN B 47 3.14 -5.01 -10.22
CA ASN B 47 4.39 -5.04 -11.08
CA ASN B 47 4.35 -5.00 -11.07
C ASN B 47 5.08 -3.73 -10.71
C ASN B 47 5.11 -3.71 -10.77
N PRO B 48 6.30 -3.73 -10.12
CA PRO B 48 7.02 -4.95 -9.75
C PRO B 48 6.50 -5.75 -8.54
N GLY B 49 5.80 -5.09 -7.61
CA GLY B 49 5.31 -5.73 -6.38
C GLY B 49 6.42 -5.82 -5.32
N PRO B 50 6.12 -6.46 -4.17
CA PRO B 50 4.84 -7.13 -3.92
C PRO B 50 3.61 -6.23 -3.66
N PHE B 51 3.81 -5.03 -3.13
CA PHE B 51 2.70 -4.19 -2.59
C PHE B 51 2.68 -2.83 -3.30
N ASP B 52 3.55 -2.63 -4.29
CA ASP B 52 3.74 -1.31 -4.94
C ASP B 52 4.09 -1.55 -6.39
N GLY B 53 3.73 -0.63 -7.26
CA GLY B 53 4.23 -0.72 -8.63
C GLY B 53 3.56 0.22 -9.60
N SER B 54 3.98 0.10 -10.84
CA SER B 54 3.43 0.88 -11.97
C SER B 54 2.13 0.24 -12.45
N GLN B 55 1.89 -1.02 -12.10
CA GLN B 55 0.64 -1.73 -12.46
C GLN B 55 0.13 -2.55 -11.28
N TYR B 56 -1.19 -2.62 -11.16
CA TYR B 56 -1.94 -3.61 -10.34
C TYR B 56 -2.90 -4.29 -11.31
N ALA B 57 -2.87 -5.61 -11.38
CA ALA B 57 -3.74 -6.38 -12.30
C ALA B 57 -4.51 -7.45 -11.54
N LEU B 58 -5.74 -7.70 -11.97
CA LEU B 58 -6.62 -8.72 -11.35
C LEU B 58 -7.46 -9.37 -12.44
N LYS B 59 -7.50 -10.71 -12.40
CA LYS B 59 -8.38 -11.50 -13.29
C LYS B 59 -9.62 -11.90 -12.50
N SER B 60 -10.76 -11.96 -13.17
CA SER B 60 -12.05 -12.49 -12.67
C SER B 60 -11.88 -13.92 -12.16
N THR B 61 -12.65 -14.32 -11.16
CA THR B 61 -12.77 -15.74 -10.71
C THR B 61 -13.99 -16.40 -11.38
N ALA B 62 -14.81 -15.64 -12.11
CA ALA B 62 -16.05 -16.10 -12.77
C ALA B 62 -15.86 -16.26 -14.29
N SER B 63 -15.02 -15.42 -14.91
CA SER B 63 -14.85 -15.32 -16.38
C SER B 63 -13.39 -15.05 -16.73
N ASP B 64 -13.09 -14.82 -18.02
CA ASP B 64 -11.72 -14.44 -18.48
C ASP B 64 -11.56 -12.90 -18.44
N ALA B 65 -12.54 -12.16 -17.91
CA ALA B 65 -12.44 -10.69 -17.75
C ALA B 65 -11.27 -10.34 -16.81
N ALA B 66 -10.61 -9.21 -17.06
CA ALA B 66 -9.48 -8.75 -16.23
C ALA B 66 -9.32 -7.24 -16.40
N PHE B 67 -8.64 -6.61 -15.46
CA PHE B 67 -8.31 -5.18 -15.57
C PHE B 67 -6.88 -4.96 -15.10
N ILE B 68 -6.30 -3.87 -15.59
CA ILE B 68 -4.96 -3.38 -15.21
C ILE B 68 -5.09 -1.90 -14.84
N ALA B 69 -4.77 -1.60 -13.59
CA ALA B 69 -4.64 -0.22 -13.09
C ALA B 69 -3.18 0.19 -13.26
N GLY B 70 -2.94 1.37 -13.82
CA GLY B 70 -1.58 1.88 -14.07
C GLY B 70 -1.35 3.18 -13.36
N GLY B 71 -0.13 3.39 -12.90
CA GLY B 71 0.30 4.68 -12.34
C GLY B 71 1.49 4.49 -11.43
N ASP B 72 1.35 4.91 -10.18
CA ASP B 72 2.37 4.74 -9.11
C ASP B 72 1.59 4.37 -7.86
N LEU B 73 1.32 3.09 -7.69
CA LEU B 73 0.28 2.58 -6.77
C LEU B 73 0.91 1.86 -5.60
N HIS B 74 0.21 1.90 -4.47
CA HIS B 74 0.70 1.40 -3.17
C HIS B 74 -0.44 0.75 -2.40
N TYR B 75 -0.23 -0.44 -1.85
CA TYR B 75 -1.22 -1.09 -0.98
C TYR B 75 -0.64 -1.25 0.42
N THR B 76 -1.39 -0.83 1.43
CA THR B 76 -0.87 -0.78 2.81
C THR B 76 -0.92 -2.14 3.52
N LEU B 77 -1.70 -3.09 3.02
CA LEU B 77 -1.98 -4.37 3.72
C LEU B 77 -2.38 -4.08 5.18
N PHE B 78 -1.73 -4.63 6.22
N PHE B 78 -1.44 -4.25 6.12
CA PHE B 78 -2.31 -4.54 7.58
CA PHE B 78 -1.64 -4.06 7.58
C PHE B 78 -1.95 -3.21 8.25
C PHE B 78 -1.11 -2.72 8.07
N SER B 79 -1.01 -2.46 7.67
N SER B 79 -0.22 -2.04 7.33
CA SER B 79 -0.40 -1.23 8.26
CA SER B 79 0.29 -0.71 7.75
C SER B 79 -1.37 -0.05 8.22
C SER B 79 -0.90 0.24 7.84
N ASN B 80 -1.21 0.92 9.13
N ASN B 80 -0.93 1.05 8.90
CA ASN B 80 -2.05 2.15 9.16
CA ASN B 80 -1.95 2.11 9.11
C ASN B 80 -1.83 2.98 7.90
C ASN B 80 -1.83 3.10 7.96
N PRO B 81 -2.90 3.42 7.19
CA PRO B 81 -4.26 2.92 7.38
C PRO B 81 -4.52 1.59 6.64
N SER B 82 -5.03 0.57 7.33
CA SER B 82 -5.07 -0.81 6.81
C SER B 82 -5.89 -0.92 5.52
N HIS B 83 -5.44 -1.81 4.65
CA HIS B 83 -6.14 -2.27 3.43
C HIS B 83 -6.54 -1.06 2.57
N THR B 84 -5.59 -0.18 2.34
CA THR B 84 -5.77 1.04 1.50
C THR B 84 -4.92 0.91 0.24
N LEU B 85 -5.54 1.06 -0.94
CA LEU B 85 -4.78 1.33 -2.19
C LEU B 85 -4.73 2.84 -2.38
N TRP B 86 -3.53 3.39 -2.49
CA TRP B 86 -3.35 4.85 -2.63
C TRP B 86 -2.27 5.10 -3.69
N GLY B 87 -2.05 6.37 -4.00
CA GLY B 87 -1.01 6.80 -4.94
C GLY B 87 -1.63 7.38 -6.19
N LYS B 88 -0.90 7.30 -7.30
N LYS B 88 -0.87 7.37 -7.27
CA LYS B 88 -1.27 7.93 -8.59
CA LYS B 88 -1.28 7.90 -8.58
C LYS B 88 -1.92 6.88 -9.49
C LYS B 88 -1.99 6.79 -9.37
N LEU B 89 -3.20 7.08 -9.83
CA LEU B 89 -3.92 6.22 -10.78
C LEU B 89 -4.02 6.99 -12.10
N ASP B 90 -3.19 6.61 -13.07
CA ASP B 90 -3.13 7.26 -14.39
C ASP B 90 -4.05 6.57 -15.39
N SER B 91 -4.28 5.27 -15.24
CA SER B 91 -5.00 4.50 -16.28
C SER B 91 -5.75 3.31 -15.70
N ILE B 92 -6.83 2.95 -16.38
CA ILE B 92 -7.57 1.68 -16.17
C ILE B 92 -7.77 1.06 -17.55
N ALA B 93 -7.27 -0.14 -17.75
CA ALA B 93 -7.49 -0.93 -18.98
C ALA B 93 -8.40 -2.10 -18.64
N LEU B 94 -9.44 -2.29 -19.44
CA LEU B 94 -10.45 -3.35 -19.23
C LEU B 94 -10.46 -4.27 -20.45
N GLY B 95 -10.61 -5.56 -20.20
CA GLY B 95 -10.78 -6.51 -21.31
C GLY B 95 -10.78 -7.92 -20.82
N ASP B 96 -10.23 -8.82 -21.64
CA ASP B 96 -10.19 -10.27 -21.37
C ASP B 96 -8.75 -10.76 -21.50
N THR B 97 -8.42 -11.81 -20.73
CA THR B 97 -7.24 -12.68 -20.89
C THR B 97 -5.97 -11.91 -20.47
N LEU B 98 -5.75 -11.82 -19.17
CA LEU B 98 -4.56 -11.18 -18.60
C LEU B 98 -3.34 -12.05 -18.91
N THR B 99 -2.25 -11.44 -19.36
N THR B 99 -2.25 -11.40 -19.34
CA THR B 99 -0.95 -12.13 -19.55
CA THR B 99 -0.95 -12.02 -19.73
C THR B 99 0.16 -11.29 -18.92
C THR B 99 0.19 -11.24 -19.06
N GLY B 100 1.36 -11.86 -18.91
CA GLY B 100 2.57 -11.17 -18.46
C GLY B 100 2.60 -10.98 -16.95
N GLY B 101 3.37 -9.97 -16.53
CA GLY B 101 3.80 -9.79 -15.14
C GLY B 101 5.15 -9.11 -15.12
N ALA B 102 5.70 -8.89 -13.93
CA ALA B 102 7.00 -8.19 -13.75
C ALA B 102 8.10 -8.89 -14.58
N SER B 103 8.13 -10.23 -14.57
CA SER B 103 9.25 -11.00 -15.17
C SER B 103 9.26 -10.89 -16.70
N SER B 104 8.13 -10.53 -17.33
CA SER B 104 8.03 -10.50 -18.81
C SER B 104 7.96 -9.07 -19.36
N GLY B 105 8.14 -8.04 -18.52
CA GLY B 105 8.17 -6.63 -18.95
C GLY B 105 6.83 -5.94 -18.76
N GLY B 106 5.88 -6.58 -18.07
CA GLY B 106 4.62 -5.94 -17.69
C GLY B 106 3.40 -6.79 -17.95
N TYR B 107 2.30 -6.47 -17.28
CA TYR B 107 0.96 -7.06 -17.51
C TYR B 107 0.39 -6.48 -18.81
N ALA B 108 -0.39 -7.29 -19.51
CA ALA B 108 -1.13 -6.88 -20.72
C ALA B 108 -2.43 -7.69 -20.79
N LEU B 109 -3.34 -7.23 -21.63
CA LEU B 109 -4.59 -7.96 -21.94
C LEU B 109 -4.50 -8.45 -23.39
N ASP B 110 -4.72 -9.75 -23.60
CA ASP B 110 -4.74 -10.33 -24.97
C ASP B 110 -5.88 -9.71 -25.78
N SER B 111 -6.99 -9.38 -25.12
N SER B 111 -6.99 -9.39 -25.11
CA SER B 111 -8.15 -8.69 -25.74
CA SER B 111 -8.17 -8.70 -25.70
C SER B 111 -8.48 -7.43 -24.94
C SER B 111 -8.46 -7.43 -24.91
N GLN B 112 -7.74 -6.35 -25.18
CA GLN B 112 -7.98 -5.04 -24.53
C GLN B 112 -9.17 -4.41 -25.26
N GLU B 113 -10.24 -4.17 -24.52
CA GLU B 113 -11.51 -3.64 -25.06
C GLU B 113 -11.52 -2.12 -24.95
N VAL B 114 -11.29 -1.59 -23.76
CA VAL B 114 -11.40 -0.14 -23.49
C VAL B 114 -10.29 0.24 -22.52
N SER B 115 -9.66 1.39 -22.72
CA SER B 115 -8.74 1.96 -21.71
C SER B 115 -9.06 3.43 -21.49
N PHE B 116 -8.91 3.85 -20.25
CA PHE B 116 -9.05 5.25 -19.81
C PHE B 116 -7.68 5.67 -19.29
N SER B 117 -7.08 6.67 -19.94
N SER B 117 -7.03 6.63 -19.94
CA SER B 117 -5.69 7.14 -19.68
CA SER B 117 -5.67 7.09 -19.55
C SER B 117 -5.69 8.61 -19.27
C SER B 117 -5.68 8.58 -19.25
N ASN B 118 -4.60 9.07 -18.67
CA ASN B 118 -4.46 10.47 -18.22
C ASN B 118 -5.54 10.77 -17.19
N LEU B 119 -5.84 9.85 -16.28
CA LEU B 119 -6.92 10.08 -15.29
C LEU B 119 -6.50 11.15 -14.28
N GLY B 120 -5.20 11.30 -14.01
CA GLY B 120 -4.70 12.38 -13.13
C GLY B 120 -5.16 12.23 -11.68
N LEU B 121 -5.53 11.03 -11.27
CA LEU B 121 -6.01 10.79 -9.89
C LEU B 121 -4.79 10.56 -8.98
N ASP B 122 -4.77 11.22 -7.83
CA ASP B 122 -3.64 11.06 -6.86
C ASP B 122 -4.25 11.12 -5.47
N SER B 123 -4.32 9.98 -4.80
CA SER B 123 -4.90 9.88 -3.44
C SER B 123 -3.77 9.68 -2.45
N PRO B 124 -3.57 10.61 -1.49
CA PRO B 124 -2.55 10.42 -0.46
C PRO B 124 -2.93 9.31 0.52
N ILE B 125 -1.91 8.72 1.14
CA ILE B 125 -2.13 7.59 2.08
C ILE B 125 -3.06 8.03 3.22
N ALA B 126 -2.97 9.28 3.67
CA ALA B 126 -3.69 9.75 4.88
C ALA B 126 -5.21 9.71 4.67
N GLN B 127 -5.71 9.70 3.43
CA GLN B 127 -7.17 9.59 3.22
C GLN B 127 -7.65 8.16 3.47
N GLY B 128 -6.74 7.19 3.55
CA GLY B 128 -7.15 5.80 3.78
C GLY B 128 -8.18 5.33 2.77
N ARG B 129 -9.16 4.57 3.21
CA ARG B 129 -10.15 3.91 2.33
C ARG B 129 -11.18 4.92 1.81
N ASP B 130 -11.09 6.18 2.28
N ASP B 130 -11.09 6.19 2.19
CA ASP B 130 -11.87 7.35 1.78
CA ASP B 130 -11.97 7.25 1.63
C ASP B 130 -11.34 7.77 0.40
C ASP B 130 -11.28 7.92 0.44
N GLY B 131 -10.07 7.48 0.09
CA GLY B 131 -9.40 7.97 -1.13
C GLY B 131 -10.11 7.52 -2.39
N THR B 132 -10.13 8.38 -3.40
CA THR B 132 -10.79 8.07 -4.69
C THR B 132 -10.11 6.86 -5.35
N VAL B 133 -8.79 6.80 -5.34
CA VAL B 133 -8.08 5.67 -5.99
C VAL B 133 -8.55 4.34 -5.36
N HIS B 134 -8.60 4.28 -4.04
CA HIS B 134 -9.06 3.07 -3.33
C HIS B 134 -10.47 2.69 -3.76
N LYS B 135 -11.40 3.64 -3.72
N LYS B 135 -11.38 3.66 -3.73
CA LYS B 135 -12.82 3.35 -4.03
CA LYS B 135 -12.82 3.46 -4.04
C LYS B 135 -12.95 2.89 -5.50
C LYS B 135 -12.99 2.96 -5.48
N VAL B 136 -12.21 3.50 -6.42
CA VAL B 136 -12.31 3.11 -7.85
C VAL B 136 -11.91 1.64 -7.98
N VAL B 137 -10.75 1.28 -7.45
CA VAL B 137 -10.19 -0.08 -7.72
C VAL B 137 -10.95 -1.11 -6.86
N TYR B 138 -11.22 -0.84 -5.59
CA TYR B 138 -11.94 -1.82 -4.75
C TYR B 138 -13.34 -2.04 -5.32
N GLY B 139 -13.96 -0.99 -5.87
CA GLY B 139 -15.25 -1.13 -6.58
C GLY B 139 -15.15 -2.17 -7.69
N LEU B 140 -14.15 -2.05 -8.57
CA LEU B 140 -13.96 -3.00 -9.70
C LEU B 140 -13.78 -4.42 -9.16
N MET B 141 -13.02 -4.59 -8.09
CA MET B 141 -12.77 -5.94 -7.51
C MET B 141 -14.10 -6.57 -7.08
N SER B 142 -15.08 -5.73 -6.70
CA SER B 142 -16.35 -6.12 -6.05
C SER B 142 -17.50 -6.16 -7.06
N GLY B 143 -17.22 -5.97 -8.35
CA GLY B 143 -18.24 -6.01 -9.42
C GLY B 143 -19.08 -4.75 -9.45
N ASP B 144 -18.54 -3.63 -8.96
CA ASP B 144 -19.27 -2.34 -8.87
C ASP B 144 -18.42 -1.24 -9.52
N SER B 145 -18.75 -0.88 -10.76
CA SER B 145 -18.01 0.15 -11.53
C SER B 145 -18.49 1.58 -11.20
N SER B 146 -19.35 1.78 -10.20
N SER B 146 -19.39 1.75 -10.23
CA SER B 146 -19.98 3.11 -9.94
CA SER B 146 -19.98 3.06 -9.85
C SER B 146 -18.93 4.17 -9.56
C SER B 146 -18.87 4.12 -9.64
N ALA B 147 -17.89 3.82 -8.79
CA ALA B 147 -16.82 4.79 -8.44
C ALA B 147 -16.04 5.16 -9.72
N LEU B 148 -15.65 4.17 -10.52
CA LEU B 148 -14.95 4.45 -11.80
C LEU B 148 -15.83 5.34 -12.68
N GLN B 149 -17.10 4.96 -12.84
CA GLN B 149 -18.04 5.74 -13.68
C GLN B 149 -18.07 7.20 -13.19
N GLY B 150 -18.15 7.43 -11.88
CA GLY B 150 -18.23 8.80 -11.35
C GLY B 150 -16.98 9.60 -11.67
N GLN B 151 -15.80 8.97 -11.63
CA GLN B 151 -14.52 9.68 -11.92
C GLN B 151 -14.43 9.96 -13.42
N ILE B 152 -14.77 8.99 -14.26
N ILE B 152 -14.78 8.99 -14.27
CA ILE B 152 -14.76 9.23 -15.74
CA ILE B 152 -14.75 9.23 -15.74
C ILE B 152 -15.72 10.39 -16.03
C ILE B 152 -15.74 10.35 -16.07
N ASP B 153 -16.91 10.35 -15.43
CA ASP B 153 -17.93 11.40 -15.69
C ASP B 153 -17.36 12.78 -15.31
N ALA B 154 -16.74 12.89 -14.15
CA ALA B 154 -16.19 14.18 -13.68
C ALA B 154 -15.09 14.66 -14.65
N LEU B 155 -14.21 13.75 -15.07
CA LEU B 155 -13.10 14.13 -15.97
C LEU B 155 -13.67 14.60 -17.31
N LEU B 156 -14.66 13.88 -17.84
CA LEU B 156 -15.27 14.24 -19.14
C LEU B 156 -15.94 15.61 -19.04
N LYS B 157 -16.73 15.85 -17.98
N LYS B 157 -16.75 15.83 -17.99
CA LYS B 157 -17.46 17.14 -17.84
CA LYS B 157 -17.47 17.11 -17.75
C LYS B 157 -16.46 18.30 -17.70
C LYS B 157 -16.45 18.27 -17.70
N ALA B 158 -15.30 18.06 -17.07
CA ALA B 158 -14.26 19.11 -16.88
C ALA B 158 -13.59 19.42 -18.22
N VAL B 159 -13.52 18.46 -19.13
CA VAL B 159 -13.01 18.73 -20.51
C VAL B 159 -14.03 19.62 -21.22
N ASP B 160 -15.29 19.20 -21.23
CA ASP B 160 -16.41 20.01 -21.74
C ASP B 160 -17.72 19.48 -21.15
N PRO B 161 -18.63 20.37 -20.71
CA PRO B 161 -19.87 19.90 -20.08
C PRO B 161 -20.78 19.00 -20.94
N SER B 162 -20.55 19.01 -22.26
N SER B 162 -20.63 18.98 -22.26
CA SER B 162 -21.27 18.23 -23.31
CA SER B 162 -21.47 18.13 -23.14
C SER B 162 -20.83 16.76 -23.34
C SER B 162 -21.02 16.67 -23.07
N LEU B 163 -19.81 16.40 -22.56
CA LEU B 163 -19.26 15.02 -22.53
C LEU B 163 -19.66 14.37 -21.20
N SER B 164 -20.09 13.11 -21.25
CA SER B 164 -20.45 12.36 -20.02
C SER B 164 -20.33 10.86 -20.26
N ILE B 165 -20.51 10.06 -19.22
N ILE B 165 -20.54 10.10 -19.19
CA ILE B 165 -20.49 8.58 -19.39
CA ILE B 165 -20.58 8.61 -19.21
C ILE B 165 -21.74 8.11 -20.15
C ILE B 165 -21.73 8.12 -20.10
N ASN B 166 -22.70 8.99 -20.43
CA ASN B 166 -23.85 8.60 -21.30
C ASN B 166 -23.54 8.90 -22.77
N SER B 167 -22.37 9.49 -23.07
CA SER B 167 -21.88 9.61 -24.45
C SER B 167 -21.48 8.22 -24.95
N THR B 168 -21.69 7.96 -26.25
CA THR B 168 -21.09 6.78 -26.89
C THR B 168 -19.59 7.01 -27.12
N PHE B 169 -18.86 5.93 -27.27
CA PHE B 169 -17.42 6.04 -27.58
C PHE B 169 -17.23 6.86 -28.87
N ASP B 170 -18.03 6.63 -29.91
CA ASP B 170 -17.90 7.43 -31.15
C ASP B 170 -18.19 8.92 -30.88
N GLN B 171 -19.18 9.24 -30.05
CA GLN B 171 -19.48 10.66 -29.70
C GLN B 171 -18.27 11.28 -28.97
N LEU B 172 -17.62 10.53 -28.09
CA LEU B 172 -16.40 11.04 -27.41
C LEU B 172 -15.25 11.20 -28.39
N ALA B 173 -15.15 10.34 -29.41
CA ALA B 173 -14.11 10.47 -30.44
C ALA B 173 -14.41 11.71 -31.31
N ALA B 174 -15.67 11.99 -31.60
CA ALA B 174 -16.05 13.20 -32.35
C ALA B 174 -15.65 14.46 -31.57
N ALA B 175 -15.58 14.36 -30.25
CA ALA B 175 -15.21 15.50 -29.37
C ALA B 175 -13.74 15.42 -28.94
N GLY B 176 -12.93 14.59 -29.59
CA GLY B 176 -11.46 14.64 -29.50
C GLY B 176 -10.85 13.99 -28.28
N VAL B 177 -11.61 13.22 -27.49
N VAL B 177 -11.65 13.24 -27.50
CA VAL B 177 -11.08 12.61 -26.23
CA VAL B 177 -11.21 12.62 -26.23
C VAL B 177 -11.12 11.07 -26.29
C VAL B 177 -10.86 11.14 -26.47
N ALA B 178 -11.53 10.49 -27.41
CA ALA B 178 -11.49 9.03 -27.58
C ALA B 178 -10.95 8.70 -28.96
N HIS B 179 -10.48 7.46 -29.08
N HIS B 179 -10.35 7.52 -29.09
CA HIS B 179 -9.68 6.93 -30.22
CA HIS B 179 -9.94 7.03 -30.41
C HIS B 179 -10.07 5.46 -30.46
C HIS B 179 -10.18 5.52 -30.48
N ALA B 180 -10.56 5.10 -31.67
CA ALA B 180 -10.94 3.71 -31.98
C ALA B 180 -9.68 2.88 -32.27
N THR B 181 -9.72 1.63 -31.87
CA THR B 181 -8.71 0.60 -32.23
C THR B 181 -9.42 -0.57 -32.90
N PRO B 182 -8.69 -1.43 -33.63
CA PRO B 182 -9.29 -2.62 -34.24
C PRO B 182 -9.94 -3.57 -33.22
N ALA B 183 -10.95 -4.32 -33.66
CA ALA B 183 -11.72 -5.30 -32.86
C ALA B 183 -10.96 -6.64 -32.77
#